data_5Z5Y
#
_entry.id   5Z5Y
#
_cell.length_a   61.600
_cell.length_b   116.110
_cell.length_c   58.690
_cell.angle_alpha   90.00
_cell.angle_beta   90.00
_cell.angle_gamma   90.00
#
_symmetry.space_group_name_H-M   'P 21 21 2'
#
loop_
_entity.id
_entity.type
_entity.pdbx_description
1 polymer Concanavalin-A
2 non-polymer '2-{2-[2-(2-{4-[(alpha-D-mannopyranosyloxy)methyl]-1H-1,2,3-triazol-1-yl}ethoxy)ethoxy]ethoxy}ethyl 2-[3,6-bis(diethylamino)-9H-xanthen-9-yl]benzoate'
3 non-polymer 'MANGANESE (II) ION'
4 non-polymer 'CALCIUM ION'
5 non-polymer 'CHLORIDE ION'
6 water water
#
_entity_poly.entity_id   1
_entity_poly.type   'polypeptide(L)'
_entity_poly.pdbx_seq_one_letter_code
;ADTIVAVELDTYPNTDIGDPSYPHIGIDIKSVRSKKTAKWNMQNGKVGTAHIIYNSVDKRLSAVVSYPNADSATVSYDVD
LDNVLPEWVRVGLSASTGLYKETNTILSWSFTSKLKSNSTHETNALHFMFNQFSKDQKDLILQGDATTGTDGNLELTRVS
SNGSPQGSSVGRALFYAPVHIWESSAVVASFEATFTFLIKSPDSHPADGIAFFISNIDSSIPSGSTGRLLGLFPDAN
;
_entity_poly.pdbx_strand_id   A,B
#
loop_
_chem_comp.id
_chem_comp.type
_chem_comp.name
_chem_comp.formula
2KO non-polymer '2-{2-[2-(2-{4-[(alpha-D-mannopyranosyloxy)methyl]-1H-1,2,3-triazol-1-yl}ethoxy)ethoxy]ethoxy}ethyl 2-[3,6-bis(diethylamino)-9H-xanthen-9-yl]benzoate' 'C45 H61 N5 O12'
CA non-polymer 'CALCIUM ION' 'Ca 2'
CL non-polymer 'CHLORIDE ION' 'Cl -1'
MN non-polymer 'MANGANESE (II) ION' 'Mn 2'
#
# COMPACT_ATOMS: atom_id res chain seq x y z
N ALA A 1 24.39 8.03 2.79
CA ALA A 1 23.62 8.84 1.82
C ALA A 1 22.64 7.91 1.11
N ASP A 2 21.58 8.47 0.61
CA ASP A 2 20.54 7.72 -0.08
C ASP A 2 20.89 7.32 -1.51
N THR A 3 20.16 6.38 -2.08
CA THR A 3 20.28 5.97 -3.44
C THR A 3 18.98 6.43 -4.14
N ILE A 4 19.07 7.25 -5.19
CA ILE A 4 17.90 7.87 -5.80
C ILE A 4 17.88 7.59 -7.30
N VAL A 5 16.71 7.19 -7.78
CA VAL A 5 16.35 7.18 -9.20
C VAL A 5 15.13 8.13 -9.36
N ALA A 6 15.24 9.15 -10.20
CA ALA A 6 14.13 10.14 -10.31
C ALA A 6 13.86 10.61 -11.74
N VAL A 7 12.66 11.12 -11.93
CA VAL A 7 12.30 11.86 -13.10
C VAL A 7 12.03 13.29 -12.60
N GLU A 8 12.78 14.26 -13.14
CA GLU A 8 12.67 15.65 -12.69
C GLU A 8 11.92 16.47 -13.70
N LEU A 9 11.06 17.32 -13.18
CA LEU A 9 10.43 18.37 -13.96
C LEU A 9 11.14 19.64 -13.50
N ASP A 10 12.13 20.06 -14.25
CA ASP A 10 13.07 21.07 -13.74
C ASP A 10 12.73 22.41 -14.37
N THR A 11 12.20 23.29 -13.52
CA THR A 11 11.73 24.60 -14.01
C THR A 11 12.81 25.69 -14.13
N TYR A 12 13.99 25.47 -13.58
CA TYR A 12 15.00 26.50 -13.46
C TYR A 12 16.33 26.03 -13.98
N PRO A 13 16.90 26.69 -15.04
CA PRO A 13 18.18 26.19 -15.58
C PRO A 13 19.38 26.53 -14.67
N ASN A 14 20.02 25.52 -14.10
CA ASN A 14 21.30 25.66 -13.36
C ASN A 14 22.42 25.15 -14.23
N THR A 15 22.90 25.94 -15.19
CA THR A 15 23.77 25.37 -16.22
C THR A 15 25.16 24.92 -15.70
N ASP A 16 25.57 25.42 -14.56
CA ASP A 16 26.81 24.96 -13.96
C ASP A 16 26.76 23.53 -13.34
N ILE A 17 25.55 22.95 -13.24
CA ILE A 17 25.39 21.52 -13.01
C ILE A 17 24.84 20.72 -14.24
N GLY A 18 25.14 21.21 -15.42
CA GLY A 18 24.74 20.57 -16.66
C GLY A 18 23.29 20.68 -17.09
N ASP A 19 22.48 21.53 -16.44
CA ASP A 19 21.13 21.80 -16.94
C ASP A 19 21.27 22.39 -18.32
N PRO A 20 20.37 22.01 -19.24
CA PRO A 20 20.24 22.80 -20.45
C PRO A 20 19.64 24.14 -20.14
N SER A 21 19.69 25.05 -21.12
CA SER A 21 19.34 26.47 -20.90
C SER A 21 17.89 26.79 -20.89
N TYR A 22 17.02 25.80 -20.64
CA TYR A 22 15.60 25.97 -20.67
C TYR A 22 14.99 25.01 -19.61
N PRO A 23 13.73 25.27 -19.22
CA PRO A 23 13.03 24.22 -18.46
C PRO A 23 13.05 22.89 -19.23
N HIS A 24 13.12 21.77 -18.52
CA HIS A 24 13.35 20.45 -19.14
C HIS A 24 12.87 19.34 -18.23
N ILE A 25 12.65 18.17 -18.82
CA ILE A 25 12.38 16.96 -18.05
C ILE A 25 13.67 16.17 -18.10
N GLY A 26 13.99 15.43 -17.05
CA GLY A 26 15.16 14.59 -17.06
C GLY A 26 15.05 13.34 -16.26
N ILE A 27 15.94 12.40 -16.54
CA ILE A 27 16.07 11.17 -15.81
C ILE A 27 17.35 11.28 -15.02
N ASP A 28 17.22 11.08 -13.71
CA ASP A 28 18.33 11.22 -12.79
C ASP A 28 18.62 9.89 -12.13
N ILE A 29 19.84 9.39 -12.25
CA ILE A 29 20.23 8.09 -11.63
C ILE A 29 21.44 8.40 -10.74
N LYS A 30 21.18 8.55 -9.46
CA LYS A 30 22.19 8.78 -8.42
C LYS A 30 22.96 10.12 -8.55
N SER A 31 22.39 11.06 -9.31
CA SER A 31 23.00 12.38 -9.46
C SER A 31 21.95 13.32 -9.96
N VAL A 32 22.01 14.53 -9.45
CA VAL A 32 21.22 15.62 -9.97
C VAL A 32 21.55 16.02 -11.43
N ARG A 33 22.73 15.62 -11.93
CA ARG A 33 23.11 15.88 -13.31
C ARG A 33 22.49 14.79 -14.18
N SER A 34 21.40 15.14 -14.83
CA SER A 34 20.59 14.17 -15.46
C SER A 34 21.36 13.35 -16.46
N LYS A 35 21.03 12.09 -16.56
CA LYS A 35 21.58 11.24 -17.64
C LYS A 35 20.98 11.59 -18.98
N LYS A 36 19.77 12.09 -18.99
CA LYS A 36 19.18 12.55 -20.22
C LYS A 36 18.13 13.59 -19.93
N THR A 37 17.95 14.50 -20.88
CA THR A 37 16.93 15.54 -20.73
C THR A 37 16.22 15.82 -22.05
N ALA A 38 15.06 16.48 -21.96
CA ALA A 38 14.39 17.00 -23.12
C ALA A 38 13.80 18.35 -22.74
N LYS A 39 13.72 19.26 -23.70
CA LYS A 39 13.07 20.57 -23.50
C LYS A 39 11.62 20.43 -23.16
N TRP A 40 11.20 21.23 -22.21
CA TRP A 40 9.87 21.18 -21.67
C TRP A 40 9.32 22.58 -21.65
N ASN A 41 8.25 22.81 -22.40
CA ASN A 41 7.58 24.09 -22.41
C ASN A 41 6.65 24.27 -21.25
N MET A 42 7.24 24.49 -20.08
CA MET A 42 6.50 24.62 -18.89
C MET A 42 5.50 25.78 -19.00
N GLN A 43 4.29 25.65 -18.46
CA GLN A 43 3.25 26.68 -18.57
C GLN A 43 2.85 27.11 -17.20
N ASN A 44 3.12 28.37 -16.89
CA ASN A 44 3.01 28.87 -15.55
C ASN A 44 1.55 28.99 -15.16
N GLY A 45 1.16 28.39 -14.04
CA GLY A 45 -0.25 28.38 -13.63
C GLY A 45 -1.29 27.48 -14.30
N LYS A 46 -0.89 26.54 -15.15
CA LYS A 46 -1.80 25.54 -15.75
C LYS A 46 -1.53 24.16 -15.23
N VAL A 47 -2.56 23.36 -15.14
CA VAL A 47 -2.45 22.01 -14.59
C VAL A 47 -1.81 21.14 -15.64
N GLY A 48 -0.68 20.48 -15.31
CA GLY A 48 -0.08 19.51 -16.21
C GLY A 48 -0.10 18.09 -15.67
N THR A 49 0.25 17.12 -16.51
CA THR A 49 0.29 15.73 -16.16
C THR A 49 1.62 15.15 -16.52
N ALA A 50 2.13 14.26 -15.65
CA ALA A 50 3.38 13.50 -15.89
C ALA A 50 3.07 12.02 -15.75
N HIS A 51 3.67 11.22 -16.63
CA HIS A 51 3.53 9.78 -16.65
C HIS A 51 4.95 9.19 -16.72
N ILE A 52 5.28 8.26 -15.81
CA ILE A 52 6.56 7.62 -15.74
C ILE A 52 6.30 6.11 -15.87
N ILE A 53 7.04 5.43 -16.73
CA ILE A 53 6.84 3.99 -17.03
C ILE A 53 8.18 3.27 -17.00
N TYR A 54 8.18 2.04 -16.49
CA TYR A 54 9.37 1.21 -16.49
C TYR A 54 8.98 -0.22 -16.74
N ASN A 55 9.59 -0.90 -17.68
CA ASN A 55 9.60 -2.38 -17.60
C ASN A 55 10.97 -2.98 -17.68
N SER A 56 11.10 -4.14 -17.04
CA SER A 56 12.34 -4.87 -16.99
C SER A 56 12.50 -5.75 -18.21
N VAL A 57 11.53 -5.78 -19.12
CA VAL A 57 11.79 -6.49 -20.41
C VAL A 57 12.79 -5.67 -21.21
N ASP A 58 12.40 -4.45 -21.56
CA ASP A 58 13.29 -3.52 -22.28
C ASP A 58 14.30 -2.78 -21.37
N LYS A 59 14.12 -2.82 -20.04
CA LYS A 59 14.98 -2.11 -19.04
C LYS A 59 15.18 -0.62 -19.31
N ARG A 60 14.05 0.03 -19.54
CA ARG A 60 13.98 1.34 -20.03
C ARG A 60 13.08 2.16 -19.13
N LEU A 61 13.57 3.27 -18.61
CA LEU A 61 12.76 4.18 -17.85
C LEU A 61 12.34 5.32 -18.75
N SER A 62 11.05 5.54 -18.88
CA SER A 62 10.49 6.58 -19.76
C SER A 62 9.57 7.53 -19.00
N ALA A 63 9.48 8.76 -19.47
CA ALA A 63 8.64 9.80 -18.87
C ALA A 63 8.06 10.73 -19.91
N VAL A 64 6.83 11.17 -19.70
CA VAL A 64 6.20 12.19 -20.59
C VAL A 64 5.60 13.22 -19.68
N VAL A 65 5.71 14.49 -20.07
CA VAL A 65 4.99 15.57 -19.40
C VAL A 65 4.24 16.34 -20.46
N SER A 66 3.01 16.70 -20.11
CA SER A 66 2.13 17.42 -21.03
C SER A 66 1.12 18.31 -20.34
N TYR A 67 0.58 19.23 -21.13
CA TYR A 67 -0.57 20.04 -20.78
C TYR A 67 -1.61 19.84 -21.87
N PRO A 68 -2.89 20.04 -21.55
CA PRO A 68 -3.96 19.89 -22.54
C PRO A 68 -3.75 20.79 -23.73
N ASN A 69 -3.85 20.21 -24.93
CA ASN A 69 -3.68 20.94 -26.22
C ASN A 69 -2.33 21.52 -26.45
N ALA A 70 -1.31 20.99 -25.76
CA ALA A 70 0.09 21.32 -26.04
C ALA A 70 0.85 20.08 -26.52
N ASP A 71 1.99 20.26 -27.16
CA ASP A 71 2.91 19.16 -27.46
C ASP A 71 3.55 18.67 -26.12
N SER A 72 3.86 17.38 -26.11
CA SER A 72 4.43 16.74 -24.95
C SER A 72 5.93 16.80 -25.03
N ALA A 73 6.56 16.69 -23.86
CA ALA A 73 7.96 16.37 -23.73
C ALA A 73 8.18 14.94 -23.15
N THR A 74 9.11 14.25 -23.75
CA THR A 74 9.36 12.86 -23.54
C THR A 74 10.86 12.62 -23.34
N VAL A 75 11.23 11.70 -22.46
CA VAL A 75 12.62 11.28 -22.30
C VAL A 75 12.66 9.78 -21.90
N SER A 76 13.71 9.07 -22.25
CA SER A 76 13.87 7.65 -21.89
C SER A 76 15.35 7.39 -21.70
N TYR A 77 15.67 6.35 -20.96
CA TYR A 77 17.03 5.99 -20.67
C TYR A 77 17.10 4.51 -20.17
N ASP A 78 18.15 3.83 -20.59
CA ASP A 78 18.49 2.51 -20.06
C ASP A 78 18.73 2.53 -18.55
N VAL A 79 18.04 1.64 -17.86
CA VAL A 79 18.11 1.48 -16.41
C VAL A 79 17.88 0.01 -16.07
N ASP A 80 18.86 -0.62 -15.43
CA ASP A 80 18.67 -1.92 -14.80
C ASP A 80 18.48 -1.57 -13.34
N LEU A 81 17.24 -1.68 -12.89
CA LEU A 81 16.94 -1.30 -11.51
C LEU A 81 17.67 -2.15 -10.49
N ASP A 82 17.86 -3.43 -10.79
CA ASP A 82 18.65 -4.33 -9.93
C ASP A 82 20.08 -3.88 -9.73
N ASN A 83 20.61 -3.17 -10.71
CA ASN A 83 21.93 -2.58 -10.64
C ASN A 83 21.94 -1.24 -9.90
N VAL A 84 20.81 -0.56 -9.77
CA VAL A 84 20.80 0.72 -9.07
C VAL A 84 20.15 0.79 -7.69
N LEU A 85 19.03 0.11 -7.53
CA LEU A 85 18.25 0.26 -6.30
C LEU A 85 18.32 -1.02 -5.51
N PRO A 86 18.13 -0.92 -4.19
CA PRO A 86 17.87 -2.14 -3.43
C PRO A 86 16.56 -2.80 -3.87
N GLU A 87 16.38 -4.07 -3.52
CA GLU A 87 15.16 -4.82 -3.82
C GLU A 87 13.89 -4.11 -3.32
N TRP A 88 14.01 -3.47 -2.17
CA TRP A 88 12.89 -2.80 -1.59
C TRP A 88 13.19 -1.32 -1.59
N VAL A 89 12.17 -0.54 -1.91
CA VAL A 89 12.32 0.89 -2.04
C VAL A 89 11.08 1.58 -1.47
N ARG A 90 11.12 2.90 -1.38
CA ARG A 90 9.88 3.71 -1.27
C ARG A 90 9.79 4.60 -2.49
N VAL A 91 8.58 5.03 -2.79
CA VAL A 91 8.33 5.83 -3.97
C VAL A 91 7.76 7.13 -3.49
N GLY A 92 8.10 8.23 -4.19
CA GLY A 92 7.61 9.52 -3.73
C GLY A 92 7.60 10.63 -4.72
N LEU A 93 7.20 11.79 -4.20
CA LEU A 93 7.29 13.02 -4.94
C LEU A 93 8.07 14.04 -4.12
N SER A 94 8.94 14.81 -4.78
CA SER A 94 9.79 15.84 -4.09
C SER A 94 9.65 17.17 -4.86
N ALA A 95 9.80 18.29 -4.15
CA ALA A 95 9.99 19.54 -4.85
C ALA A 95 10.78 20.49 -3.97
N SER A 96 11.31 21.54 -4.60
CA SER A 96 12.03 22.59 -3.95
C SER A 96 11.84 23.94 -4.59
N THR A 97 12.20 24.95 -3.80
CA THR A 97 12.38 26.35 -4.26
C THR A 97 13.69 26.80 -3.70
N GLY A 98 14.23 27.89 -4.24
CA GLY A 98 15.56 28.38 -3.76
C GLY A 98 15.46 29.90 -3.63
N LEU A 99 16.31 30.61 -4.36
CA LEU A 99 16.21 32.06 -4.44
C LEU A 99 15.05 32.51 -5.32
N TYR A 100 14.67 31.68 -6.31
CA TYR A 100 13.42 31.81 -7.03
C TYR A 100 12.47 30.72 -6.54
N LYS A 101 11.19 30.91 -6.76
CA LYS A 101 10.15 30.10 -6.15
C LYS A 101 8.91 29.92 -7.04
N GLU A 102 8.06 29.00 -6.61
CA GLU A 102 6.89 28.54 -7.35
C GLU A 102 6.08 27.69 -6.37
N THR A 103 4.77 27.65 -6.56
CA THR A 103 3.92 26.58 -5.93
C THR A 103 4.30 25.23 -6.54
N ASN A 104 4.34 24.22 -5.69
CA ASN A 104 4.59 22.86 -6.17
C ASN A 104 3.46 21.94 -5.74
N THR A 105 2.29 22.20 -6.30
CA THR A 105 1.02 21.62 -5.87
C THR A 105 0.74 20.34 -6.63
N ILE A 106 0.41 19.28 -5.91
CA ILE A 106 0.02 18.01 -6.50
C ILE A 106 -1.47 17.80 -6.33
N LEU A 107 -2.12 17.53 -7.45
CA LEU A 107 -3.58 17.36 -7.47
C LEU A 107 -4.01 15.89 -7.48
N SER A 108 -3.17 15.00 -7.97
CA SER A 108 -3.45 13.60 -7.93
C SER A 108 -2.15 12.87 -8.14
N TRP A 109 -2.16 11.59 -7.78
CA TRP A 109 -0.95 10.78 -7.85
C TRP A 109 -1.32 9.33 -7.77
N SER A 110 -0.86 8.57 -8.75
CA SER A 110 -1.06 7.11 -8.75
C SER A 110 0.20 6.37 -9.11
N PHE A 111 0.22 5.12 -8.68
CA PHE A 111 1.34 4.27 -8.86
C PHE A 111 0.89 2.80 -8.91
N THR A 112 1.49 2.04 -9.79
CA THR A 112 1.29 0.62 -9.83
C THR A 112 2.64 -0.04 -10.12
N SER A 113 2.87 -1.12 -9.40
CA SER A 113 4.08 -1.95 -9.50
C SER A 113 3.70 -3.42 -9.51
N LYS A 114 4.44 -4.22 -10.26
CA LYS A 114 4.11 -5.65 -10.44
C LYS A 114 5.40 -6.39 -10.54
N LEU A 115 5.46 -7.55 -9.91
CA LEU A 115 6.65 -8.36 -9.88
C LEU A 115 6.22 -9.77 -10.14
N LYS A 116 6.55 -10.30 -11.33
CA LYS A 116 6.21 -11.69 -11.68
C LYS A 116 7.43 -12.62 -11.47
N SER A 117 7.37 -13.45 -10.43
CA SER A 117 8.41 -14.45 -10.15
C SER A 117 8.51 -15.58 -11.19
N ASN A 118 9.60 -16.35 -11.06
CA ASN A 118 9.79 -17.68 -11.67
C ASN A 118 8.57 -18.23 -12.46
N SER A 119 7.46 -18.34 -11.73
CA SER A 119 6.27 -19.06 -12.18
C SER A 119 5.31 -18.22 -13.09
N THR A 120 4.26 -18.89 -13.56
CA THR A 120 3.51 -18.50 -14.76
C THR A 120 2.45 -17.37 -14.61
N HIS A 121 1.87 -17.23 -13.41
CA HIS A 121 1.09 -16.02 -13.03
C HIS A 121 1.42 -15.66 -11.54
N GLU A 122 2.70 -15.84 -11.17
CA GLU A 122 3.15 -15.64 -9.78
C GLU A 122 3.55 -14.18 -9.58
N THR A 123 2.50 -13.34 -9.59
CA THR A 123 2.58 -11.92 -9.58
C THR A 123 2.21 -11.40 -8.23
N ASN A 124 3.11 -10.59 -7.64
CA ASN A 124 2.80 -9.63 -6.60
C ASN A 124 2.63 -8.22 -7.18
N ALA A 125 1.64 -7.50 -6.67
CA ALA A 125 1.32 -6.16 -7.17
C ALA A 125 0.97 -5.23 -6.05
N LEU A 126 1.20 -3.96 -6.28
CA LEU A 126 0.80 -2.90 -5.43
C LEU A 126 0.19 -1.80 -6.33
N HIS A 127 -0.92 -1.18 -5.90
CA HIS A 127 -1.49 -0.07 -6.61
C HIS A 127 -2.07 0.89 -5.58
N PHE A 128 -1.77 2.19 -5.74
CA PHE A 128 -2.49 3.21 -5.03
C PHE A 128 -2.86 4.37 -5.96
N MET A 129 -3.91 5.06 -5.57
CA MET A 129 -4.43 6.21 -6.33
C MET A 129 -5.00 7.23 -5.37
N PHE A 130 -4.48 8.45 -5.52
CA PHE A 130 -4.95 9.61 -4.75
C PHE A 130 -5.44 10.59 -5.78
N ASN A 131 -6.74 10.77 -5.83
CA ASN A 131 -7.35 11.86 -6.59
C ASN A 131 -7.73 13.06 -5.74
N GLN A 132 -7.39 13.02 -4.47
CA GLN A 132 -7.73 14.04 -3.51
C GLN A 132 -6.88 13.64 -2.31
N PHE A 133 -6.34 14.60 -1.56
CA PHE A 133 -5.53 14.30 -0.41
C PHE A 133 -6.29 14.81 0.77
N SER A 134 -6.27 14.13 1.88
CA SER A 134 -6.99 14.62 3.02
C SER A 134 -5.96 15.29 3.90
N LYS A 135 -6.48 16.02 4.87
CA LYS A 135 -5.74 16.71 5.90
C LYS A 135 -4.90 15.75 6.75
N ASP A 136 -5.45 14.58 7.08
CA ASP A 136 -4.62 13.59 7.78
C ASP A 136 -4.37 12.40 6.84
N GLN A 137 -3.40 12.51 5.96
CA GLN A 137 -3.25 11.48 4.92
C GLN A 137 -2.25 10.44 5.45
N LYS A 138 -2.77 9.52 6.27
CA LYS A 138 -1.96 8.55 7.03
C LYS A 138 -1.14 7.56 6.22
N ASP A 139 -1.43 7.40 4.92
CA ASP A 139 -0.65 6.53 4.05
C ASP A 139 0.43 7.28 3.29
N LEU A 140 0.70 8.55 3.69
CA LEU A 140 1.84 9.30 3.19
C LEU A 140 2.77 9.64 4.31
N ILE A 141 4.04 9.53 4.01
CA ILE A 141 5.08 10.03 4.85
C ILE A 141 5.46 11.42 4.27
N LEU A 142 5.20 12.47 5.05
CA LEU A 142 5.52 13.87 4.69
C LEU A 142 6.83 14.27 5.35
N GLN A 143 7.75 14.77 4.53
CA GLN A 143 9.05 15.22 4.96
C GLN A 143 9.21 16.71 4.62
N GLY A 144 9.97 17.38 5.46
CA GLY A 144 10.26 18.82 5.31
C GLY A 144 9.00 19.65 5.37
N ASP A 145 8.80 20.47 4.33
CA ASP A 145 7.73 21.44 4.29
C ASP A 145 6.43 20.89 3.71
N ALA A 146 6.43 19.66 3.20
CA ALA A 146 5.22 19.14 2.52
C ALA A 146 4.04 19.06 3.45
N THR A 147 2.85 19.40 2.95
CA THR A 147 1.64 19.30 3.75
C THR A 147 0.48 18.91 2.85
N THR A 148 -0.55 18.35 3.44
CA THR A 148 -1.78 18.07 2.69
C THR A 148 -2.84 18.99 3.29
N GLY A 149 -3.74 19.46 2.45
CA GLY A 149 -4.63 20.55 2.81
C GLY A 149 -6.03 20.02 2.92
N THR A 150 -6.85 20.79 3.62
CA THR A 150 -8.31 20.68 3.55
C THR A 150 -8.88 21.01 2.15
N ASP A 151 -8.09 21.67 1.29
CA ASP A 151 -8.44 21.86 -0.13
C ASP A 151 -8.23 20.63 -1.07
N GLY A 152 -7.72 19.54 -0.52
CA GLY A 152 -7.65 18.29 -1.29
C GLY A 152 -6.36 18.13 -2.03
N ASN A 153 -5.44 19.08 -1.89
CA ASN A 153 -4.15 19.04 -2.59
C ASN A 153 -2.97 18.76 -1.66
N LEU A 154 -1.87 18.35 -2.28
CA LEU A 154 -0.63 18.06 -1.62
C LEU A 154 0.28 19.23 -2.01
N GLU A 155 0.66 20.08 -1.05
CA GLU A 155 1.63 21.17 -1.31
C GLU A 155 3.03 20.70 -0.89
N LEU A 156 3.88 20.39 -1.85
CA LEU A 156 5.19 19.85 -1.53
C LEU A 156 6.09 20.88 -0.90
N THR A 157 6.00 22.14 -1.36
CA THR A 157 6.71 23.22 -0.73
C THR A 157 5.77 24.25 -0.12
N ARG A 158 6.36 25.15 0.65
CA ARG A 158 5.65 26.09 1.50
C ARG A 158 4.95 27.17 0.67
N VAL A 159 3.65 27.33 0.96
CA VAL A 159 2.78 28.34 0.32
C VAL A 159 2.15 29.14 1.48
N SER A 160 2.09 30.46 1.31
CA SER A 160 1.62 31.31 2.42
C SER A 160 0.10 31.32 2.38
N SER A 161 -0.54 31.86 3.41
CA SER A 161 -2.02 31.90 3.46
C SER A 161 -2.65 32.64 2.27
N ASN A 162 -1.91 33.56 1.66
CA ASN A 162 -2.40 34.32 0.57
C ASN A 162 -2.15 33.64 -0.72
N GLY A 163 -1.44 32.51 -0.70
CA GLY A 163 -1.33 31.70 -1.90
C GLY A 163 0.00 31.81 -2.56
N SER A 164 0.89 32.68 -2.07
CA SER A 164 2.11 32.95 -2.77
C SER A 164 3.20 32.02 -2.19
N PRO A 165 4.04 31.52 -3.05
CA PRO A 165 4.96 30.46 -2.63
C PRO A 165 6.17 31.06 -1.88
N GLN A 166 6.84 30.24 -1.08
CA GLN A 166 8.06 30.60 -0.43
C GLN A 166 9.36 30.05 -1.10
N GLY A 167 10.41 30.86 -0.98
CA GLY A 167 11.77 30.51 -1.38
C GLY A 167 12.36 29.61 -0.28
N SER A 168 13.49 29.02 -0.58
CA SER A 168 14.24 28.10 0.31
C SER A 168 13.38 27.03 0.95
N SER A 169 12.51 26.41 0.14
CA SER A 169 11.59 25.40 0.69
C SER A 169 11.88 24.05 0.05
N VAL A 170 11.67 22.98 0.82
CA VAL A 170 11.88 21.63 0.31
C VAL A 170 10.93 20.70 1.10
N GLY A 171 10.27 19.82 0.36
CA GLY A 171 9.32 18.88 0.93
C GLY A 171 9.09 17.70 -0.01
N ARG A 172 8.73 16.58 0.60
CA ARG A 172 8.53 15.33 -0.08
C ARG A 172 7.35 14.58 0.54
N ALA A 173 6.72 13.73 -0.26
CA ALA A 173 5.69 12.80 0.20
C ALA A 173 6.03 11.42 -0.39
N LEU A 174 6.11 10.40 0.47
CA LEU A 174 6.47 9.04 0.07
C LEU A 174 5.28 8.17 0.45
N PHE A 175 4.87 7.24 -0.42
CA PHE A 175 3.87 6.28 0.00
C PHE A 175 4.35 5.51 1.25
N TYR A 176 3.45 5.20 2.15
CA TYR A 176 3.84 4.69 3.44
C TYR A 176 4.51 3.32 3.45
N ALA A 177 4.08 2.44 2.57
CA ALA A 177 4.56 1.07 2.57
C ALA A 177 5.80 0.96 1.68
N PRO A 178 6.74 0.09 2.10
CA PRO A 178 7.83 -0.24 1.19
C PRO A 178 7.32 -0.99 -0.03
N VAL A 179 8.06 -0.87 -1.13
CA VAL A 179 7.62 -1.41 -2.45
C VAL A 179 8.69 -2.40 -2.90
N HIS A 180 8.26 -3.58 -3.38
CA HIS A 180 9.20 -4.58 -3.83
C HIS A 180 9.44 -4.35 -5.29
N ILE A 181 10.52 -3.66 -5.68
CA ILE A 181 10.52 -3.19 -7.10
C ILE A 181 11.23 -4.15 -8.01
N TRP A 182 12.16 -4.95 -7.49
CA TRP A 182 12.75 -6.04 -8.25
C TRP A 182 13.01 -7.21 -7.29
N GLU A 183 13.16 -8.37 -7.91
CA GLU A 183 13.48 -9.60 -7.23
C GLU A 183 14.23 -10.40 -8.25
N SER A 184 15.30 -11.05 -7.80
CA SER A 184 16.20 -11.73 -8.73
C SER A 184 15.48 -12.87 -9.48
N SER A 185 14.43 -13.46 -8.90
CA SER A 185 13.60 -14.51 -9.59
C SER A 185 12.40 -14.00 -10.43
N ALA A 186 12.38 -12.70 -10.73
CA ALA A 186 11.31 -12.07 -11.50
C ALA A 186 11.52 -12.20 -13.03
N VAL A 187 10.48 -12.69 -13.74
CA VAL A 187 10.42 -12.64 -15.22
C VAL A 187 10.15 -11.22 -15.70
N VAL A 188 9.26 -10.52 -15.00
CA VAL A 188 8.90 -9.13 -15.29
C VAL A 188 8.75 -8.36 -13.96
N ALA A 189 9.49 -7.27 -13.84
CA ALA A 189 9.34 -6.26 -12.82
C ALA A 189 8.94 -4.96 -13.58
N SER A 190 7.82 -4.32 -13.22
CA SER A 190 7.47 -3.11 -13.91
C SER A 190 6.65 -2.20 -13.07
N PHE A 191 6.66 -0.95 -13.45
CA PHE A 191 5.87 0.02 -12.74
C PHE A 191 5.46 1.21 -13.57
N GLU A 192 4.46 1.92 -13.06
CA GLU A 192 4.05 3.14 -13.63
C GLU A 192 3.52 4.12 -12.59
N ALA A 193 3.71 5.41 -12.90
CA ALA A 193 3.32 6.45 -12.01
C ALA A 193 2.78 7.57 -12.84
N THR A 194 1.75 8.21 -12.31
CA THR A 194 1.15 9.40 -12.92
C THR A 194 0.90 10.40 -11.83
N PHE A 195 1.12 11.67 -12.13
CA PHE A 195 0.64 12.72 -11.28
C PHE A 195 0.25 13.95 -12.07
N THR A 196 -0.67 14.70 -11.48
CA THR A 196 -1.08 16.01 -12.01
C THR A 196 -0.60 17.07 -11.05
N PHE A 197 -0.13 18.19 -11.62
CA PHE A 197 0.63 19.17 -10.85
C PHE A 197 0.22 20.58 -11.33
N LEU A 198 0.36 21.51 -10.45
CA LEU A 198 0.12 22.93 -10.77
C LEU A 198 1.29 23.75 -10.20
N ILE A 199 2.07 24.29 -11.10
CA ILE A 199 3.22 25.12 -10.78
C ILE A 199 2.89 26.58 -11.20
N LYS A 200 2.83 27.48 -10.24
CA LYS A 200 2.56 28.90 -10.44
C LYS A 200 3.64 29.73 -9.75
N SER A 201 4.04 30.80 -10.41
CA SER A 201 4.98 31.73 -9.85
C SER A 201 4.53 33.18 -10.09
N PRO A 202 4.41 34.00 -9.05
CA PRO A 202 4.33 35.47 -9.28
C PRO A 202 5.59 36.07 -9.95
N ASP A 203 6.81 35.67 -9.50
CA ASP A 203 8.13 35.92 -10.17
C ASP A 203 7.90 35.92 -11.74
N SER A 204 8.76 36.58 -12.49
CA SER A 204 8.99 36.16 -13.90
C SER A 204 9.62 34.73 -14.00
N HIS A 205 10.52 34.38 -13.05
CA HIS A 205 11.25 33.11 -13.07
C HIS A 205 10.77 32.15 -11.96
N PRO A 206 10.09 31.08 -12.37
CA PRO A 206 9.79 29.99 -11.42
C PRO A 206 11.07 29.14 -11.04
N ALA A 207 11.12 28.61 -9.81
CA ALA A 207 12.10 27.57 -9.51
C ALA A 207 11.55 26.74 -8.30
N ASP A 208 11.99 25.50 -8.09
CA ASP A 208 13.03 24.79 -8.85
C ASP A 208 12.57 23.59 -9.59
N GLY A 209 11.48 22.98 -9.10
CA GLY A 209 10.86 21.84 -9.83
C GLY A 209 10.21 20.85 -8.88
N ILE A 210 9.70 19.76 -9.49
CA ILE A 210 9.04 18.65 -8.87
C ILE A 210 9.68 17.39 -9.46
N ALA A 211 9.81 16.34 -8.63
CA ALA A 211 10.29 15.07 -9.12
C ALA A 211 9.50 13.91 -8.55
N PHE A 212 9.34 12.87 -9.39
CA PHE A 212 8.95 11.54 -8.91
C PHE A 212 10.25 10.75 -8.73
N PHE A 213 10.37 10.13 -7.57
CA PHE A 213 11.57 9.41 -7.20
C PHE A 213 11.28 8.05 -6.56
N ILE A 214 12.30 7.20 -6.62
CA ILE A 214 12.37 5.91 -6.00
C ILE A 214 13.68 5.88 -5.22
N SER A 215 13.58 5.49 -3.97
CA SER A 215 14.69 5.54 -3.05
C SER A 215 14.79 4.31 -2.12
N ASN A 216 15.98 4.18 -1.49
CA ASN A 216 16.09 3.37 -0.30
C ASN A 216 14.93 3.69 0.69
N ILE A 217 14.47 2.65 1.39
CA ILE A 217 13.31 2.75 2.19
C ILE A 217 13.42 3.80 3.25
N ASP A 218 14.64 4.05 3.70
CA ASP A 218 14.90 4.96 4.80
C ASP A 218 15.31 6.37 4.30
N SER A 219 15.06 6.67 3.03
CA SER A 219 15.43 7.97 2.45
C SER A 219 14.83 9.12 3.17
N SER A 220 15.63 10.15 3.39
CA SER A 220 15.18 11.41 3.98
C SER A 220 15.78 12.58 3.21
N ILE A 221 15.23 13.76 3.46
CA ILE A 221 15.66 14.96 2.72
C ILE A 221 17.15 15.31 3.09
N PRO A 222 18.06 15.31 2.12
CA PRO A 222 19.46 15.65 2.42
C PRO A 222 19.60 17.10 2.93
N SER A 223 20.48 17.27 3.90
CA SER A 223 20.68 18.58 4.52
C SER A 223 21.01 19.59 3.40
N GLY A 224 20.34 20.73 3.44
CA GLY A 224 20.59 21.80 2.50
C GLY A 224 20.14 21.49 1.05
N SER A 225 19.28 20.49 0.81
CA SER A 225 18.90 20.16 -0.58
C SER A 225 17.71 21.00 -1.08
N THR A 226 17.61 22.27 -0.68
CA THR A 226 16.68 23.21 -1.37
C THR A 226 17.26 23.57 -2.77
N GLY A 227 16.61 24.48 -3.46
CA GLY A 227 17.06 25.02 -4.69
C GLY A 227 17.26 23.91 -5.71
N ARG A 228 18.37 23.97 -6.39
CA ARG A 228 18.64 23.08 -7.53
C ARG A 228 18.78 21.59 -7.20
N LEU A 229 18.91 21.23 -5.93
CA LEU A 229 19.11 19.80 -5.57
C LEU A 229 17.76 19.07 -5.41
N LEU A 230 16.65 19.84 -5.53
CA LEU A 230 15.28 19.26 -5.70
C LEU A 230 14.84 18.33 -4.54
N GLY A 231 15.47 18.48 -3.36
CA GLY A 231 15.20 17.63 -2.21
C GLY A 231 15.63 16.19 -2.31
N LEU A 232 16.42 15.87 -3.33
CA LEU A 232 16.84 14.54 -3.68
C LEU A 232 18.32 14.25 -3.42
N PHE A 233 19.21 15.27 -3.57
CA PHE A 233 20.67 14.99 -3.62
C PHE A 233 21.41 15.79 -2.60
N PRO A 234 22.46 15.21 -1.94
CA PRO A 234 23.18 15.97 -0.93
C PRO A 234 24.16 17.01 -1.51
N ASP A 235 24.49 16.90 -2.80
CA ASP A 235 25.40 17.79 -3.48
C ASP A 235 25.15 17.75 -4.97
N ALA A 236 25.89 18.54 -5.72
CA ALA A 236 25.79 18.68 -7.17
C ALA A 236 26.69 17.73 -8.00
N ASN A 237 27.29 16.73 -7.40
CA ASN A 237 28.17 15.81 -8.16
C ASN A 237 27.44 14.87 -9.14
N ALA B 1 -8.58 -0.55 24.29
CA ALA B 1 -8.72 -1.86 23.58
C ALA B 1 -8.79 -1.64 22.07
N ASP B 2 -8.35 -2.64 21.32
CA ASP B 2 -8.49 -2.63 19.89
C ASP B 2 -9.97 -2.68 19.50
N THR B 3 -10.26 -2.19 18.29
CA THR B 3 -11.57 -2.34 17.64
C THR B 3 -11.35 -3.28 16.44
N ILE B 4 -12.12 -4.36 16.35
CA ILE B 4 -11.98 -5.42 15.36
C ILE B 4 -13.30 -5.71 14.70
N VAL B 5 -13.24 -5.69 13.37
CA VAL B 5 -14.19 -6.28 12.49
C VAL B 5 -13.47 -7.47 11.80
N ALA B 6 -14.07 -8.65 11.88
CA ALA B 6 -13.45 -9.85 11.27
C ALA B 6 -14.41 -10.85 10.67
N VAL B 7 -13.86 -11.64 9.72
CA VAL B 7 -14.51 -12.86 9.23
C VAL B 7 -13.65 -13.98 9.72
N GLU B 8 -14.24 -14.89 10.50
CA GLU B 8 -13.54 -16.00 11.08
C GLU B 8 -13.90 -17.29 10.33
N LEU B 9 -12.87 -18.09 10.10
CA LEU B 9 -12.94 -19.46 9.63
C LEU B 9 -12.60 -20.31 10.88
N ASP B 10 -13.66 -20.67 11.61
CA ASP B 10 -13.49 -21.22 12.98
C ASP B 10 -13.57 -22.75 12.89
N THR B 11 -12.43 -23.39 13.03
CA THR B 11 -12.38 -24.83 12.89
C THR B 11 -12.80 -25.63 14.16
N TYR B 12 -12.77 -24.99 15.33
CA TYR B 12 -13.01 -25.65 16.63
C TYR B 12 -14.23 -25.11 17.39
N PRO B 13 -15.24 -25.98 17.64
CA PRO B 13 -16.44 -25.54 18.35
C PRO B 13 -16.17 -25.31 19.84
N ASN B 14 -16.21 -24.04 20.26
CA ASN B 14 -16.15 -23.62 21.65
C ASN B 14 -17.58 -23.26 22.08
N THR B 15 -18.37 -24.29 22.33
CA THR B 15 -19.82 -24.15 22.59
C THR B 15 -20.12 -23.31 23.83
N ASP B 16 -19.20 -23.36 24.78
CA ASP B 16 -19.30 -22.56 26.00
C ASP B 16 -19.10 -21.09 25.82
N ILE B 17 -18.61 -20.63 24.67
CA ILE B 17 -18.61 -19.18 24.42
C ILE B 17 -19.34 -18.85 23.13
N GLY B 18 -20.37 -19.63 22.77
CA GLY B 18 -21.29 -19.17 21.73
C GLY B 18 -21.17 -19.84 20.38
N ASP B 19 -20.15 -20.66 20.20
CA ASP B 19 -19.97 -21.28 18.90
C ASP B 19 -21.08 -22.24 18.65
N PRO B 20 -21.61 -22.26 17.42
CA PRO B 20 -22.41 -23.45 17.13
C PRO B 20 -21.53 -24.74 17.28
N SER B 21 -22.14 -25.91 17.14
CA SER B 21 -21.49 -27.20 17.48
C SER B 21 -20.63 -27.79 16.38
N TYR B 22 -20.39 -26.99 15.35
CA TYR B 22 -19.67 -27.44 14.21
C TYR B 22 -18.73 -26.31 13.75
N PRO B 23 -17.64 -26.68 13.06
CA PRO B 23 -16.87 -25.72 12.21
C PRO B 23 -17.79 -24.81 11.43
N HIS B 24 -17.46 -23.53 11.40
CA HIS B 24 -18.33 -22.52 10.86
C HIS B 24 -17.49 -21.30 10.43
N ILE B 25 -18.09 -20.49 9.61
CA ILE B 25 -17.55 -19.20 9.24
C ILE B 25 -18.45 -18.22 9.95
N GLY B 26 -17.88 -17.07 10.33
CA GLY B 26 -18.60 -16.12 11.07
C GLY B 26 -18.12 -14.70 10.85
N ILE B 27 -19.05 -13.80 11.06
CA ILE B 27 -18.85 -12.34 11.02
C ILE B 27 -18.85 -11.84 12.46
N ASP B 28 -17.73 -11.22 12.83
CA ASP B 28 -17.39 -10.82 14.18
C ASP B 28 -17.27 -9.32 14.19
N ILE B 29 -18.05 -8.68 15.06
CA ILE B 29 -18.04 -7.24 15.17
C ILE B 29 -17.76 -6.89 16.61
N LYS B 30 -16.51 -6.57 16.88
CA LYS B 30 -16.02 -6.19 18.20
C LYS B 30 -16.28 -7.26 19.27
N SER B 31 -16.51 -8.51 18.88
CA SER B 31 -16.58 -9.60 19.83
C SER B 31 -16.32 -10.91 19.10
N VAL B 32 -15.68 -11.84 19.79
CA VAL B 32 -15.53 -13.21 19.31
C VAL B 32 -16.86 -13.95 19.17
N ARG B 33 -17.94 -13.44 19.77
CA ARG B 33 -19.24 -14.03 19.61
C ARG B 33 -19.90 -13.52 18.34
N SER B 34 -19.80 -14.36 17.31
CA SER B 34 -20.19 -13.96 15.97
C SER B 34 -21.61 -13.43 15.86
N LYS B 35 -21.80 -12.32 15.16
CA LYS B 35 -23.11 -11.76 14.91
C LYS B 35 -23.89 -12.70 14.03
N LYS B 36 -23.21 -13.46 13.17
CA LYS B 36 -23.90 -14.34 12.21
C LYS B 36 -22.89 -15.46 11.94
N THR B 37 -23.32 -16.71 11.89
CA THR B 37 -22.47 -17.81 11.42
C THR B 37 -23.17 -18.64 10.36
N ALA B 38 -22.40 -19.49 9.70
CA ALA B 38 -22.90 -20.52 8.77
C ALA B 38 -22.02 -21.71 8.94
N LYS B 39 -22.65 -22.88 8.79
CA LYS B 39 -21.98 -24.15 8.78
C LYS B 39 -20.94 -24.29 7.71
N TRP B 40 -19.77 -24.77 8.09
CA TRP B 40 -18.62 -24.80 7.21
C TRP B 40 -18.06 -26.21 7.23
N ASN B 41 -18.20 -26.93 6.12
CA ASN B 41 -17.62 -28.27 6.00
C ASN B 41 -16.16 -28.19 5.71
N MET B 42 -15.38 -27.94 6.74
CA MET B 42 -13.97 -27.72 6.57
C MET B 42 -13.32 -29.02 6.11
N GLN B 43 -12.27 -28.92 5.30
CA GLN B 43 -11.55 -30.10 4.80
C GLN B 43 -10.11 -30.10 5.14
N ASN B 44 -9.70 -31.13 5.88
CA ASN B 44 -8.37 -31.24 6.42
C ASN B 44 -7.42 -31.50 5.26
N GLY B 45 -6.34 -30.73 5.18
CA GLY B 45 -5.29 -30.91 4.16
C GLY B 45 -5.54 -30.42 2.74
N LYS B 46 -6.67 -29.81 2.47
CA LYS B 46 -7.00 -29.30 1.16
C LYS B 46 -6.91 -27.74 1.13
N VAL B 47 -6.48 -27.21 -0.01
CA VAL B 47 -6.40 -25.75 -0.23
C VAL B 47 -7.80 -25.19 -0.47
N GLY B 48 -8.20 -24.25 0.38
CA GLY B 48 -9.45 -23.53 0.22
C GLY B 48 -9.24 -22.06 -0.13
N THR B 49 -10.34 -21.43 -0.52
CA THR B 49 -10.41 -20.01 -0.83
C THR B 49 -11.47 -19.34 0.00
N ALA B 50 -11.15 -18.16 0.52
CA ALA B 50 -12.08 -17.24 1.15
C ALA B 50 -12.19 -15.92 0.39
N HIS B 51 -13.40 -15.44 0.23
CA HIS B 51 -13.66 -14.15 -0.38
C HIS B 51 -14.54 -13.32 0.54
N ILE B 52 -14.08 -12.12 0.87
CA ILE B 52 -14.80 -11.16 1.68
C ILE B 52 -15.06 -9.89 0.84
N ILE B 53 -16.29 -9.41 0.90
CA ILE B 53 -16.74 -8.23 0.19
C ILE B 53 -17.56 -7.32 1.13
N TYR B 54 -17.40 -6.01 0.91
CA TYR B 54 -18.25 -4.99 1.51
C TYR B 54 -18.56 -3.88 0.50
N ASN B 55 -19.78 -3.38 0.44
CA ASN B 55 -19.99 -2.04 -0.15
C ASN B 55 -20.90 -1.20 0.67
N SER B 56 -20.69 0.13 0.59
CA SER B 56 -21.45 1.07 1.39
C SER B 56 -22.76 1.44 0.73
N VAL B 57 -23.06 0.89 -0.43
CA VAL B 57 -24.37 1.12 -1.02
C VAL B 57 -25.36 0.33 -0.16
N ASP B 58 -25.14 -0.98 -0.01
CA ASP B 58 -25.99 -1.87 0.79
CA ASP B 58 -26.05 -1.78 0.82
C ASP B 58 -25.54 -1.94 2.24
N LYS B 59 -24.26 -1.64 2.49
CA LYS B 59 -23.68 -1.71 3.84
C LYS B 59 -23.85 -3.13 4.42
N ARG B 60 -23.31 -4.09 3.69
CA ARG B 60 -23.50 -5.52 3.95
C ARG B 60 -22.10 -6.07 3.89
N LEU B 61 -21.62 -6.67 4.95
CA LEU B 61 -20.38 -7.40 4.86
C LEU B 61 -20.71 -8.86 4.54
N SER B 62 -20.14 -9.42 3.49
CA SER B 62 -20.39 -10.85 3.12
C SER B 62 -19.10 -11.61 2.96
N ALA B 63 -19.15 -12.92 3.16
CA ALA B 63 -17.99 -13.77 2.96
C ALA B 63 -18.42 -15.12 2.43
N VAL B 64 -17.56 -15.75 1.65
CA VAL B 64 -17.79 -17.11 1.17
C VAL B 64 -16.48 -17.84 1.30
N VAL B 65 -16.59 -19.09 1.79
CA VAL B 65 -15.44 -20.00 1.80
C VAL B 65 -15.78 -21.27 1.03
N SER B 66 -14.83 -21.76 0.26
CA SER B 66 -15.01 -22.92 -0.59
C SER B 66 -13.75 -23.66 -0.89
N TYR B 67 -13.98 -24.89 -1.33
CA TYR B 67 -12.94 -25.75 -1.85
C TYR B 67 -13.39 -26.14 -3.26
N PRO B 68 -12.43 -26.45 -4.15
CA PRO B 68 -12.85 -26.86 -5.51
C PRO B 68 -13.72 -28.11 -5.45
N ASN B 69 -14.87 -28.08 -6.14
CA ASN B 69 -15.85 -29.20 -6.19
C ASN B 69 -16.62 -29.49 -4.92
N ALA B 70 -16.77 -28.49 -4.05
CA ALA B 70 -17.60 -28.64 -2.86
C ALA B 70 -18.60 -27.51 -2.79
N ASP B 71 -19.57 -27.65 -1.92
CA ASP B 71 -20.51 -26.59 -1.70
C ASP B 71 -19.77 -25.53 -0.91
N SER B 72 -20.14 -24.29 -1.17
CA SER B 72 -19.63 -23.15 -0.48
C SER B 72 -20.37 -22.91 0.84
N ALA B 73 -19.67 -22.30 1.80
CA ALA B 73 -20.30 -21.73 2.98
C ALA B 73 -20.31 -20.19 2.89
N THR B 74 -21.44 -19.58 3.15
CA THR B 74 -21.59 -18.19 2.99
C THR B 74 -22.30 -17.49 4.14
N VAL B 75 -21.89 -16.27 4.46
CA VAL B 75 -22.51 -15.48 5.57
C VAL B 75 -22.48 -13.97 5.26
N SER B 76 -23.52 -13.24 5.67
CA SER B 76 -23.70 -11.82 5.37
C SER B 76 -24.26 -11.14 6.55
N TYR B 77 -23.99 -9.83 6.70
CA TYR B 77 -24.49 -9.09 7.87
C TYR B 77 -24.48 -7.58 7.69
N ASP B 78 -25.50 -6.91 8.21
CA ASP B 78 -25.52 -5.44 8.18
C ASP B 78 -24.39 -4.88 9.00
N VAL B 79 -23.65 -3.95 8.42
CA VAL B 79 -22.63 -3.27 9.18
C VAL B 79 -22.34 -1.89 8.57
N ASP B 80 -22.40 -0.87 9.43
CA ASP B 80 -21.98 0.48 9.05
C ASP B 80 -20.61 0.66 9.62
N LEU B 81 -19.66 0.76 8.72
CA LEU B 81 -18.28 0.84 9.11
C LEU B 81 -17.99 2.17 9.79
N ASP B 82 -18.57 3.29 9.30
CA ASP B 82 -18.48 4.59 10.05
C ASP B 82 -18.90 4.47 11.51
N ASN B 83 -19.75 3.48 11.75
CA ASN B 83 -20.28 3.16 13.05
C ASN B 83 -19.33 2.32 13.94
N VAL B 84 -18.60 1.36 13.36
CA VAL B 84 -17.75 0.45 14.12
C VAL B 84 -16.25 0.77 14.08
N LEU B 85 -15.76 1.25 12.96
CA LEU B 85 -14.32 1.42 12.87
C LEU B 85 -13.92 2.90 12.81
N PRO B 86 -12.68 3.22 13.20
CA PRO B 86 -12.10 4.51 12.80
C PRO B 86 -12.00 4.67 11.30
N GLU B 87 -11.81 5.89 10.88
CA GLU B 87 -11.74 6.20 9.47
C GLU B 87 -10.54 5.51 8.77
N TRP B 88 -9.44 5.45 9.51
CA TRP B 88 -8.20 4.78 9.06
C TRP B 88 -7.98 3.51 9.89
N VAL B 89 -7.58 2.43 9.21
CA VAL B 89 -7.42 1.11 9.79
C VAL B 89 -6.22 0.39 9.15
N ARG B 90 -5.92 -0.77 9.67
CA ARG B 90 -5.11 -1.72 9.00
C ARG B 90 -5.95 -2.95 8.75
N VAL B 91 -5.50 -3.71 7.75
CA VAL B 91 -6.11 -4.98 7.40
C VAL B 91 -5.12 -6.09 7.56
N GLY B 92 -5.63 -7.29 7.83
CA GLY B 92 -4.72 -8.37 8.25
C GLY B 92 -5.38 -9.73 8.24
N LEU B 93 -4.53 -10.73 8.40
CA LEU B 93 -4.94 -12.09 8.65
C LEU B 93 -4.39 -12.50 10.04
N SER B 94 -5.22 -13.24 10.78
CA SER B 94 -4.90 -13.80 12.11
C SER B 94 -5.23 -15.29 12.13
N ALA B 95 -4.49 -16.01 12.96
CA ALA B 95 -4.77 -17.41 13.23
C ALA B 95 -4.17 -17.81 14.59
N SER B 96 -4.68 -18.92 15.12
CA SER B 96 -4.17 -19.46 16.37
C SER B 96 -4.45 -20.94 16.44
N THR B 97 -3.69 -21.56 17.32
CA THR B 97 -3.91 -22.91 17.81
C THR B 97 -4.05 -22.78 19.32
N GLY B 98 -4.42 -23.85 19.99
CA GLY B 98 -4.44 -23.89 21.51
C GLY B 98 -3.98 -25.28 21.97
N LEU B 99 -4.85 -26.00 22.69
CA LEU B 99 -4.59 -27.42 22.97
C LEU B 99 -4.60 -28.21 21.66
N TYR B 100 -5.63 -28.02 20.87
CA TYR B 100 -5.68 -28.62 19.53
C TYR B 100 -5.00 -27.66 18.49
N LYS B 101 -4.68 -28.21 17.34
CA LYS B 101 -3.76 -27.51 16.40
C LYS B 101 -4.04 -27.82 14.92
N GLU B 102 -3.41 -27.00 14.06
CA GLU B 102 -3.57 -27.08 12.61
C GLU B 102 -2.52 -26.17 12.02
N THR B 103 -2.03 -26.47 10.82
CA THR B 103 -1.30 -25.48 10.02
C THR B 103 -2.24 -24.36 9.73
N ASN B 104 -1.74 -23.12 9.75
CA ASN B 104 -2.54 -21.96 9.32
C ASN B 104 -1.82 -21.23 8.21
N THR B 105 -1.66 -21.96 7.10
CA THR B 105 -0.82 -21.60 5.97
C THR B 105 -1.58 -20.78 4.92
N ILE B 106 -1.06 -19.58 4.62
CA ILE B 106 -1.64 -18.70 3.64
C ILE B 106 -0.74 -18.77 2.37
N LEU B 107 -1.34 -19.17 1.27
CA LEU B 107 -0.63 -19.31 -0.02
C LEU B 107 -0.77 -18.06 -0.91
N SER B 108 -1.82 -17.27 -0.68
CA SER B 108 -2.05 -16.02 -1.39
C SER B 108 -3.00 -15.15 -0.65
N TRP B 109 -2.85 -13.83 -0.86
CA TRP B 109 -3.72 -12.86 -0.21
C TRP B 109 -3.83 -11.59 -1.09
N SER B 110 -5.05 -11.17 -1.42
CA SER B 110 -5.26 -9.94 -2.18
C SER B 110 -6.32 -9.04 -1.50
N PHE B 111 -6.15 -7.73 -1.62
CA PHE B 111 -7.06 -6.79 -1.05
C PHE B 111 -7.21 -5.55 -1.90
N THR B 112 -8.41 -5.03 -2.02
CA THR B 112 -8.70 -3.83 -2.73
C THR B 112 -9.71 -3.02 -1.97
N SER B 113 -9.49 -1.69 -1.87
CA SER B 113 -10.35 -0.76 -1.20
C SER B 113 -10.46 0.48 -2.08
N LYS B 114 -11.64 1.11 -2.07
CA LYS B 114 -11.93 2.28 -2.89
C LYS B 114 -12.86 3.13 -2.08
N LEU B 115 -12.66 4.43 -2.17
CA LEU B 115 -13.34 5.41 -1.35
C LEU B 115 -13.56 6.54 -2.29
N LYS B 116 -14.80 6.65 -2.74
CA LYS B 116 -15.22 7.68 -3.63
C LYS B 116 -15.85 8.78 -2.81
N SER B 117 -15.17 9.94 -2.75
CA SER B 117 -15.66 11.16 -2.10
C SER B 117 -16.78 11.88 -2.92
N ASN B 118 -17.50 12.78 -2.23
CA ASN B 118 -18.23 13.93 -2.80
C ASN B 118 -18.48 13.94 -4.33
N SER B 119 -17.39 13.98 -5.09
CA SER B 119 -17.40 14.26 -6.53
C SER B 119 -17.54 13.00 -7.42
N THR B 120 -17.54 13.21 -8.75
CA THR B 120 -18.06 12.23 -9.75
C THR B 120 -17.12 11.09 -10.25
N HIS B 121 -15.81 11.21 -10.01
CA HIS B 121 -14.86 10.06 -10.11
C HIS B 121 -13.72 10.21 -9.05
N GLU B 122 -14.02 10.93 -7.94
CA GLU B 122 -13.01 11.37 -6.95
C GLU B 122 -12.73 10.26 -5.92
N THR B 123 -12.12 9.21 -6.50
CA THR B 123 -11.94 7.93 -5.91
C THR B 123 -10.50 7.77 -5.53
N ASN B 124 -10.26 7.47 -4.26
CA ASN B 124 -8.99 6.95 -3.81
C ASN B 124 -9.06 5.42 -3.74
N ALA B 125 -7.95 4.74 -3.96
CA ALA B 125 -7.88 3.28 -3.97
C ALA B 125 -6.57 2.78 -3.51
N LEU B 126 -6.59 1.59 -2.94
CA LEU B 126 -5.41 0.82 -2.60
C LEU B 126 -5.70 -0.60 -3.04
N HIS B 127 -4.75 -1.27 -3.64
CA HIS B 127 -4.84 -2.69 -3.98
C HIS B 127 -3.47 -3.29 -3.69
N PHE B 128 -3.44 -4.48 -3.09
CA PHE B 128 -2.22 -5.25 -3.04
C PHE B 128 -2.54 -6.74 -3.29
N MET B 129 -1.59 -7.46 -3.84
CA MET B 129 -1.73 -8.86 -4.15
C MET B 129 -0.44 -9.56 -3.86
N PHE B 130 -0.53 -10.66 -3.07
CA PHE B 130 0.60 -11.54 -2.73
C PHE B 130 0.25 -12.95 -3.23
N ASN B 131 0.96 -13.44 -4.22
CA ASN B 131 0.81 -14.81 -4.72
C ASN B 131 1.93 -15.63 -4.27
N GLN B 132 2.92 -14.99 -3.69
CA GLN B 132 3.92 -15.68 -2.95
C GLN B 132 4.48 -14.67 -1.96
N PHE B 133 5.19 -15.16 -0.96
CA PHE B 133 5.70 -14.33 0.11
C PHE B 133 7.16 -14.58 0.19
N SER B 134 7.96 -13.57 0.41
CA SER B 134 9.37 -13.77 0.50
C SER B 134 9.76 -13.86 1.94
N LYS B 135 11.03 -14.16 2.10
CA LYS B 135 11.65 -14.39 3.38
C LYS B 135 11.71 -13.05 4.15
N ASP B 136 11.93 -11.96 3.43
CA ASP B 136 11.82 -10.62 4.02
C ASP B 136 10.69 -9.86 3.34
N GLN B 137 9.47 -10.02 3.85
CA GLN B 137 8.28 -9.43 3.27
C GLN B 137 8.04 -8.11 4.02
N LYS B 138 8.81 -7.12 3.64
CA LYS B 138 8.84 -5.81 4.27
C LYS B 138 7.51 -5.02 4.29
N ASP B 139 6.62 -5.27 3.34
CA ASP B 139 5.26 -4.66 3.36
C ASP B 139 4.19 -5.40 4.18
N LEU B 140 4.61 -6.40 4.95
CA LEU B 140 3.80 -6.96 5.99
C LEU B 140 4.38 -6.66 7.35
N ILE B 141 3.49 -6.39 8.29
CA ILE B 141 3.80 -6.35 9.72
C ILE B 141 3.43 -7.69 10.31
N LEU B 142 4.46 -8.47 10.68
CA LEU B 142 4.24 -9.79 11.25
C LEU B 142 4.22 -9.72 12.77
N GLN B 143 3.20 -10.30 13.38
CA GLN B 143 3.02 -10.22 14.84
C GLN B 143 2.96 -11.62 15.40
N GLY B 144 3.52 -11.82 16.59
CA GLY B 144 3.42 -13.13 17.30
C GLY B 144 4.29 -14.14 16.58
N ASP B 145 3.75 -15.33 16.28
CA ASP B 145 4.53 -16.41 15.65
C ASP B 145 4.58 -16.37 14.10
N ALA B 146 4.00 -15.35 13.45
CA ALA B 146 3.75 -15.39 12.01
C ALA B 146 5.10 -15.28 11.31
N THR B 147 5.35 -16.13 10.31
CA THR B 147 6.59 -16.06 9.48
C THR B 147 6.26 -16.26 8.01
N THR B 148 7.18 -15.83 7.16
CA THR B 148 7.06 -15.99 5.69
C THR B 148 8.28 -16.74 5.29
N GLY B 149 8.08 -17.99 4.86
CA GLY B 149 9.12 -19.02 4.82
C GLY B 149 9.65 -19.40 3.46
N THR B 150 10.38 -20.52 3.44
CA THR B 150 11.18 -20.98 2.27
C THR B 150 10.33 -21.45 1.10
N ASP B 151 9.30 -22.22 1.42
CA ASP B 151 8.15 -22.51 0.56
C ASP B 151 7.48 -21.32 -0.19
N GLY B 152 7.75 -20.07 0.19
CA GLY B 152 6.99 -18.94 -0.42
C GLY B 152 5.59 -18.66 0.19
N ASN B 153 5.29 -19.31 1.32
CA ASN B 153 4.00 -19.17 2.00
C ASN B 153 4.14 -18.36 3.27
N LEU B 154 3.01 -17.91 3.78
CA LEU B 154 2.94 -17.27 5.09
C LEU B 154 2.40 -18.25 6.11
N GLU B 155 3.18 -18.58 7.12
CA GLU B 155 2.74 -19.46 8.20
C GLU B 155 2.32 -18.64 9.38
N LEU B 156 1.01 -18.55 9.60
CA LEU B 156 0.49 -17.62 10.59
C LEU B 156 0.83 -18.13 11.98
N THR B 157 0.84 -19.45 12.13
CA THR B 157 1.13 -20.10 13.40
C THR B 157 2.27 -21.08 13.21
N ARG B 158 2.88 -21.41 14.33
CA ARG B 158 4.17 -22.08 14.37
C ARG B 158 4.03 -23.50 13.80
N VAL B 159 4.90 -23.80 12.83
CA VAL B 159 4.97 -25.05 12.13
C VAL B 159 6.41 -25.58 12.37
N SER B 160 6.52 -26.89 12.61
CA SER B 160 7.83 -27.51 12.85
C SER B 160 8.60 -27.68 11.56
N SER B 161 9.86 -28.05 11.73
CA SER B 161 10.74 -28.45 10.61
C SER B 161 10.02 -29.30 9.56
N ASN B 162 9.34 -30.35 10.04
CA ASN B 162 8.60 -31.29 9.16
C ASN B 162 7.28 -30.76 8.57
N GLY B 163 6.92 -29.51 8.85
CA GLY B 163 5.60 -29.02 8.52
C GLY B 163 4.49 -29.37 9.51
N SER B 164 4.76 -29.99 10.68
CA SER B 164 3.65 -30.33 11.57
C SER B 164 3.32 -29.17 12.54
N PRO B 165 2.04 -28.90 12.75
CA PRO B 165 1.61 -27.74 13.49
C PRO B 165 1.82 -27.84 15.00
N GLN B 166 2.09 -26.70 15.64
CA GLN B 166 2.28 -26.63 17.05
C GLN B 166 1.10 -25.93 17.79
N GLY B 167 0.92 -26.31 19.06
CA GLY B 167 -0.20 -25.80 19.86
C GLY B 167 0.16 -24.47 20.52
N SER B 168 -0.84 -23.79 21.03
CA SER B 168 -0.67 -22.56 21.80
C SER B 168 0.16 -21.50 21.05
N SER B 169 -0.14 -21.40 19.76
CA SER B 169 0.51 -20.47 18.88
C SER B 169 -0.50 -19.46 18.40
N VAL B 170 0.00 -18.24 18.17
CA VAL B 170 -0.81 -17.17 17.62
C VAL B 170 0.09 -16.27 16.77
N GLY B 171 -0.40 -15.88 15.60
CA GLY B 171 0.32 -14.95 14.71
C GLY B 171 -0.62 -14.19 13.80
N ARG B 172 -0.18 -12.99 13.39
CA ARG B 172 -0.95 -12.21 12.44
C ARG B 172 0.01 -11.58 11.41
N ALA B 173 -0.58 -11.14 10.32
CA ALA B 173 0.13 -10.42 9.30
C ALA B 173 -0.76 -9.24 8.92
N LEU B 174 -0.23 -8.00 9.03
CA LEU B 174 -1.01 -6.83 8.61
C LEU B 174 -0.35 -6.15 7.39
N PHE B 175 -1.13 -5.66 6.47
CA PHE B 175 -0.52 -4.83 5.40
C PHE B 175 0.10 -3.57 6.06
N TYR B 176 1.26 -3.19 5.58
CA TYR B 176 2.08 -2.12 6.21
C TYR B 176 1.38 -0.77 6.24
N ALA B 177 0.75 -0.37 5.13
CA ALA B 177 0.09 0.95 5.03
C ALA B 177 -1.30 0.95 5.66
N PRO B 178 -1.63 2.04 6.37
CA PRO B 178 -2.99 2.23 6.76
C PRO B 178 -3.88 2.38 5.57
N VAL B 179 -5.15 2.07 5.75
CA VAL B 179 -6.15 2.09 4.69
C VAL B 179 -7.28 3.03 5.08
N HIS B 180 -7.75 3.82 4.15
CA HIS B 180 -8.79 4.78 4.44
C HIS B 180 -10.11 4.08 4.10
N ILE B 181 -10.80 3.47 5.07
CA ILE B 181 -11.97 2.64 4.73
C ILE B 181 -13.27 3.40 4.73
N TRP B 182 -13.38 4.50 5.48
CA TRP B 182 -14.55 5.38 5.31
C TRP B 182 -14.12 6.84 5.46
N GLU B 183 -15.05 7.71 5.12
CA GLU B 183 -14.88 9.15 5.17
C GLU B 183 -16.31 9.58 4.99
N SER B 184 -16.84 10.40 5.90
CA SER B 184 -18.25 10.82 5.83
C SER B 184 -18.66 11.47 4.47
N SER B 185 -17.69 12.07 3.76
CA SER B 185 -17.91 12.61 2.39
C SER B 185 -17.95 11.60 1.23
N ALA B 186 -17.80 10.30 1.52
CA ALA B 186 -17.75 9.27 0.50
C ALA B 186 -19.13 8.91 -0.05
N VAL B 187 -19.31 8.98 -1.38
CA VAL B 187 -20.56 8.53 -2.04
C VAL B 187 -20.60 6.99 -2.12
N VAL B 188 -19.47 6.34 -2.31
CA VAL B 188 -19.36 4.90 -2.07
C VAL B 188 -17.95 4.54 -1.58
N ALA B 189 -17.95 3.73 -0.54
CA ALA B 189 -16.78 3.14 0.08
C ALA B 189 -16.99 1.62 -0.18
N SER B 190 -15.89 0.89 -0.44
CA SER B 190 -15.97 -0.55 -0.61
C SER B 190 -14.67 -1.28 -0.57
N PHE B 191 -14.74 -2.58 -0.31
CA PHE B 191 -13.54 -3.41 -0.34
C PHE B 191 -13.82 -4.83 -0.56
N GLU B 192 -12.74 -5.51 -0.93
CA GLU B 192 -12.71 -6.93 -1.03
C GLU B 192 -11.38 -7.51 -0.69
N ALA B 193 -11.48 -8.74 -0.19
CA ALA B 193 -10.30 -9.45 0.14
C ALA B 193 -10.46 -10.90 -0.28
N THR B 194 -9.36 -11.50 -0.65
CA THR B 194 -9.36 -12.91 -0.97
C THR B 194 -8.12 -13.54 -0.43
N PHE B 195 -8.20 -14.78 0.06
CA PHE B 195 -7.02 -15.48 0.37
C PHE B 195 -7.21 -16.98 0.18
N THR B 196 -6.11 -17.67 -0.07
CA THR B 196 -6.15 -19.13 -0.22
C THR B 196 -5.40 -19.68 0.97
N PHE B 197 -5.89 -20.77 1.51
CA PHE B 197 -5.33 -21.27 2.77
C PHE B 197 -5.22 -22.80 2.81
N LEU B 198 -4.30 -23.27 3.58
CA LEU B 198 -4.10 -24.72 3.76
C LEU B 198 -4.09 -24.98 5.27
N ILE B 199 -5.24 -25.46 5.77
CA ILE B 199 -5.40 -25.91 7.18
C ILE B 199 -5.27 -27.46 7.22
N LYS B 200 -4.25 -27.96 7.89
CA LYS B 200 -4.03 -29.39 8.02
C LYS B 200 -3.69 -29.70 9.48
N SER B 201 -4.12 -30.86 9.97
CA SER B 201 -3.95 -31.21 11.37
C SER B 201 -3.72 -32.70 11.53
N PRO B 202 -2.68 -33.10 12.30
CA PRO B 202 -2.65 -34.52 12.72
C PRO B 202 -3.81 -34.88 13.72
N ASP B 203 -4.26 -33.93 14.56
CA ASP B 203 -5.40 -34.13 15.48
C ASP B 203 -6.72 -34.62 14.88
N SER B 204 -7.52 -35.26 15.77
CA SER B 204 -8.95 -35.56 15.57
C SER B 204 -9.74 -34.31 15.28
N HIS B 205 -9.54 -33.31 16.13
CA HIS B 205 -10.19 -32.00 16.00
C HIS B 205 -9.10 -31.00 15.64
N PRO B 206 -9.11 -30.46 14.42
CA PRO B 206 -8.25 -29.28 14.21
C PRO B 206 -8.63 -28.08 15.09
N ALA B 207 -7.67 -27.24 15.44
CA ALA B 207 -8.05 -25.94 15.99
C ALA B 207 -6.99 -24.92 15.69
N ASP B 208 -7.28 -23.61 15.78
CA ASP B 208 -8.55 -22.99 16.11
C ASP B 208 -9.19 -22.21 14.98
N GLY B 209 -8.40 -21.75 14.01
CA GLY B 209 -8.95 -21.12 12.84
C GLY B 209 -8.08 -19.99 12.30
N ILE B 210 -8.62 -19.31 11.28
CA ILE B 210 -7.97 -18.24 10.58
C ILE B 210 -9.02 -17.15 10.44
N ALA B 211 -8.59 -15.90 10.47
CA ALA B 211 -9.51 -14.76 10.19
C ALA B 211 -8.88 -13.68 9.35
N PHE B 212 -9.68 -13.03 8.54
CA PHE B 212 -9.34 -11.77 7.93
C PHE B 212 -9.95 -10.74 8.84
N PHE B 213 -9.19 -9.71 9.16
CA PHE B 213 -9.67 -8.69 10.09
C PHE B 213 -9.25 -7.29 9.64
N ILE B 214 -10.02 -6.32 10.17
CA ILE B 214 -9.79 -4.90 10.02
C ILE B 214 -9.77 -4.32 11.46
N SER B 215 -8.78 -3.54 11.74
CA SER B 215 -8.49 -3.06 13.08
C SER B 215 -8.06 -1.62 13.09
N ASN B 216 -8.13 -0.99 14.28
CA ASN B 216 -7.37 0.23 14.50
C ASN B 216 -5.92 -0.02 14.03
N ILE B 217 -5.29 1.04 13.54
CA ILE B 217 -3.99 0.89 12.89
C ILE B 217 -2.89 0.37 13.82
N ASP B 218 -3.04 0.64 15.10
CA ASP B 218 -2.06 0.26 16.12
C ASP B 218 -2.49 -1.05 16.86
N SER B 219 -3.30 -1.87 16.24
CA SER B 219 -3.66 -3.14 16.82
C SER B 219 -2.45 -4.06 16.98
N SER B 220 -2.47 -4.79 18.09
CA SER B 220 -1.52 -5.89 18.36
C SER B 220 -2.30 -7.06 18.92
N ILE B 221 -1.66 -8.21 18.98
CA ILE B 221 -2.25 -9.43 19.48
C ILE B 221 -2.61 -9.22 20.98
N PRO B 222 -3.90 -9.32 21.36
CA PRO B 222 -4.22 -9.08 22.79
C PRO B 222 -3.65 -10.17 23.65
N SER B 223 -3.33 -9.83 24.89
CA SER B 223 -2.81 -10.81 25.83
C SER B 223 -3.76 -11.97 26.02
N GLY B 224 -3.25 -13.21 26.02
CA GLY B 224 -4.10 -14.39 26.20
C GLY B 224 -5.09 -14.69 25.07
N SER B 225 -4.86 -14.15 23.85
CA SER B 225 -5.75 -14.44 22.71
C SER B 225 -5.35 -15.66 21.85
N THR B 226 -4.49 -16.53 22.35
CA THR B 226 -4.26 -17.82 21.69
C THR B 226 -5.52 -18.71 21.82
N GLY B 227 -5.61 -19.74 20.99
CA GLY B 227 -6.72 -20.66 20.95
C GLY B 227 -8.01 -20.02 20.52
N ARG B 228 -9.02 -20.13 21.35
CA ARG B 228 -10.36 -19.74 20.90
C ARG B 228 -10.59 -18.27 20.56
N LEU B 229 -9.75 -17.37 21.05
CA LEU B 229 -9.89 -15.93 20.75
C LEU B 229 -9.16 -15.50 19.44
N LEU B 230 -8.56 -16.47 18.74
CA LEU B 230 -8.12 -16.33 17.34
C LEU B 230 -7.13 -15.20 17.07
N GLY B 231 -6.38 -14.81 18.11
CA GLY B 231 -5.51 -13.65 18.12
C GLY B 231 -6.13 -12.28 17.95
N LEU B 232 -7.46 -12.19 18.08
CA LEU B 232 -8.20 -10.99 17.82
C LEU B 232 -8.75 -10.28 19.06
N PHE B 233 -9.11 -11.03 20.12
CA PHE B 233 -9.90 -10.43 21.19
C PHE B 233 -9.27 -10.71 22.56
N PRO B 234 -9.36 -9.75 23.52
CA PRO B 234 -8.75 -9.95 24.87
C PRO B 234 -9.57 -10.90 25.77
N ASP B 235 -10.83 -11.08 25.46
CA ASP B 235 -11.71 -11.91 26.27
C ASP B 235 -12.83 -12.42 25.38
N ALA B 236 -13.73 -13.20 25.96
CA ALA B 236 -14.83 -13.82 25.23
C ALA B 236 -16.15 -13.04 25.35
N ASN B 237 -16.16 -11.77 25.74
CA ASN B 237 -17.43 -11.04 25.86
C ASN B 237 -18.09 -10.79 24.52
C5 2KO C . 25.48 28.65 -5.01
C3 2KO C . 23.89 30.22 -4.34
C2 2KO C . 23.24 31.58 -4.53
C1 2KO C . 20.73 31.23 -8.34
C6 2KO C . 25.64 27.84 -6.29
C8 2KO C . 26.91 28.07 -8.43
C9 2KO C . 25.78 28.68 -9.24
C11 2KO C . 23.62 33.34 -14.17
C12 2KO C . 24.23 34.62 -14.71
C13 2KO C . 16.40 36.39 -6.42
C14 2KO C . 15.96 37.59 -7.25
O1 2KO C . 24.13 32.64 -4.91
O7P 2KO C . 22.83 33.08 -6.76
C7P 2KO C . 23.73 33.46 -6.05
C1P 2KO C . 24.44 34.73 -6.39
C2P 2KO C . 23.93 35.63 -7.31
C2C 2KO C . 22.64 35.43 -8.03
C1C 2KO C . 21.42 35.73 -7.41
C6C 2KO C . 21.35 36.22 -6.09
C5C 2KO C . 20.13 36.51 -5.49
C4C 2KO C . 18.91 36.30 -6.22
N1C 2KO C . 17.67 36.60 -5.69
C23 2KO C . 17.53 37.24 -4.38
C24 2KO C . 17.62 36.18 -3.32
C3C 2KO C . 19.00 35.84 -7.54
C4B 2KO C . 20.22 35.56 -8.13
O1B 2KO C . 20.23 35.10 -9.44
C1A 2KO C . 21.45 34.83 -10.01
C6A 2KO C . 21.41 34.36 -11.31
C5A 2KO C . 22.56 34.07 -12.01
N1A 2KO C . 22.44 33.64 -13.36
C21 2KO C . 21.15 33.66 -14.10
C22 2KO C . 20.62 32.25 -14.43
C4A 2KO C . 23.81 34.23 -11.36
C3A 2KO C . 23.86 34.66 -10.03
C2A 2KO C . 22.66 34.98 -9.35
C3P 2KO C . 24.65 36.81 -7.63
C4P 2KO C . 25.84 37.08 -6.97
C5P 2KO C . 26.34 36.19 -6.03
C6P 2KO C . 25.66 35.02 -5.76
O4 2KO C . 24.88 29.92 -5.26
O7 2KO C . 26.66 28.42 -7.07
O0A 2KO C . 26.11 29.34 -10.42
C0B 2KO C . 25.74 30.71 -10.51
C0C 2KO C . 24.60 30.91 -11.46
N3T 2KO C . 23.35 30.97 -10.71
C4T 2KO C . 22.95 31.22 -9.49
C5T 2KO C . 21.59 31.09 -9.50
N1T 2KO C . 21.15 30.68 -10.69
N2T 2KO C . 22.29 30.62 -11.43
O1M 2KO C . 20.86 30.03 -7.56
C1M 2KO C . 19.93 29.95 -6.45
O5M 2KO C . 18.59 30.00 -6.91
C5M 2KO C . 18.25 28.90 -7.77
C6M 2KO C . 16.79 29.05 -8.20
O6M 2KO C . 15.91 28.93 -7.08
C4M 2KO C . 18.52 27.48 -7.16
O4M 2KO C . 18.42 26.55 -8.28
C3M 2KO C . 19.90 27.41 -6.53
O3M 2KO C . 20.16 26.17 -5.83
C2M 2KO C . 20.13 28.63 -5.63
O2M 2KO C . 19.20 28.69 -4.56
MN MN D . 17.92 19.55 -14.42
CA CA E . 17.54 23.11 -12.25
CL CL F . 10.25 0.42 6.31
C5 2KO G . -9.49 -24.22 31.83
C3 2KO G . -8.99 -24.44 29.47
C2 2KO G . -8.97 -25.54 28.40
C1 2KO G . -9.31 -27.29 25.27
C6 2KO G . -10.91 -24.70 32.08
C8 2KO G . -12.50 -26.10 31.05
C9 2KO G . -12.86 -25.34 29.77
C11 2KO G . -8.27 -26.84 36.32
C12 2KO G . -7.51 -27.80 37.20
C13 2KO G . -13.10 -32.02 27.88
C14 2KO G . -13.03 -33.28 28.74
O1 2KO G . -8.19 -26.69 28.77
O7P 2KO G . -6.34 -25.86 27.90
C7P 2KO G . -6.80 -26.79 28.48
C1P 2KO G . -5.87 -27.91 28.88
C2P 2KO G . -6.31 -28.95 29.68
C2C 2KO G . -7.70 -29.14 30.24
C1C 2KO G . -8.71 -29.79 29.51
C6C 2KO G . -8.50 -30.26 28.22
C5C 2KO G . -9.50 -30.85 27.49
C4C 2KO G . -10.77 -31.11 28.04
N1C 2KO G . -11.76 -31.79 27.30
C23 2KO G . -11.54 -32.40 26.00
C24 2KO G . -11.89 -31.40 24.89
C3C 2KO G . -10.98 -30.68 29.36
C4B 2KO G . -9.95 -30.03 30.07
O1B 2KO G . -10.21 -29.66 31.36
C1A 2KO G . -9.26 -28.98 32.07
C6A 2KO G . -9.67 -28.60 33.31
C5A 2KO G . -8.79 -27.95 34.14
N1A 2KO G . -9.22 -27.53 35.40
C21 2KO G . -10.61 -27.71 35.84
C22 2KO G . -11.58 -26.67 35.27
C4A 2KO G . -7.49 -27.72 33.67
C3A 2KO G . -7.05 -28.08 32.38
C2A 2KO G . -7.99 -28.71 31.56
C3P 2KO G . -5.38 -29.90 30.07
C4P 2KO G . -4.02 -29.89 29.64
C5P 2KO G . -3.60 -28.84 28.81
C6P 2KO G . -4.51 -27.86 28.43
O4 2KO G . -8.98 -25.04 30.78
O7 2KO G . -11.11 -25.91 31.32
O0A 2KO G . -13.69 -26.03 28.82
C0B 2KO G . -13.57 -27.46 28.85
C0C 2KO G . -13.79 -28.10 27.51
N3T 2KO G . -12.59 -27.88 26.73
C4T 2KO G . -11.30 -27.67 26.93
C5T 2KO G . -10.73 -27.58 25.65
N1T 2KO G . -11.69 -27.71 24.69
N2T 2KO G . -12.86 -27.90 25.39
O1M 2KO G . -9.34 -25.85 25.16
C1M 2KO G . -8.08 -25.34 24.62
O5M 2KO G . -7.91 -25.71 23.25
C5M 2KO G . -8.98 -25.21 22.42
C6M 2KO G . -8.78 -25.79 21.04
O6M 2KO G . -7.43 -25.59 20.67
C4M 2KO G . -8.97 -23.69 22.38
O4M 2KO G . -10.13 -23.20 21.72
C3M 2KO G . -9.06 -23.16 23.82
O3M 2KO G . -8.93 -21.75 23.82
C2M 2KO G . -7.96 -23.82 24.67
O2M 2KO G . -6.64 -23.55 24.19
MN MN H . -16.75 -19.08 16.23
CA CA I . -13.96 -21.58 18.02
#